data_5DNV
#
_entry.id   5DNV
#
_cell.length_a   76.000
_cell.length_b   76.000
_cell.length_c   180.000
_cell.angle_alpha   90.00
_cell.angle_beta   90.00
_cell.angle_gamma   120.00
#
_symmetry.space_group_name_H-M   'P 61 2 2'
#
loop_
_entity.id
_entity.type
_entity.pdbx_description
1 polymer ShKAI2iB
2 non-polymer 'FORMIC ACID'
3 non-polymer 'BENZOIC ACID'
4 water water
#
_entity_poly.entity_id   1
_entity_poly.type   'polypeptide(L)'
_entity_poly.pdbx_seq_one_letter_code
;GPLGSMNRVEAARNVHIVGSGDTTVVLGHGFGTDQSVWKHLVPYLVDSYRVLLYDNMGAGSTNPEYFHFERYSTLQGYAH
DLLVILHEFNIRSCIFVGHSLSAMTGAIASIIRPDLFQKIVMLSASPRFLNTADYLGGFEPADVEQLAGAIEANYKSWVS
GFAPMVVGGDMDSVAVQEFSRTLFNMRPDIARSVFRTIFTSDLRDYLGRVTVPCHIIQSSRDMAVPVSVAGYIHNRVGGR
SVVEVMNTEGHLPQLSAPEVAIPVLLRHIKNDIDS
;
_entity_poly.pdbx_strand_id   A
#
# COMPACT_ATOMS: atom_id res chain seq x y z
N GLY A 4 33.54 9.67 7.27
CA GLY A 4 32.95 9.05 6.05
C GLY A 4 31.78 9.85 5.49
N SER A 5 31.53 9.67 4.19
CA SER A 5 30.45 10.38 3.48
C SER A 5 29.07 9.81 3.81
N MET A 6 28.03 10.55 3.39
CA MET A 6 26.64 10.25 3.76
C MET A 6 25.77 9.98 2.53
N ASN A 7 24.70 9.20 2.72
CA ASN A 7 23.69 8.94 1.68
C ASN A 7 22.36 8.48 2.28
N ARG A 8 21.34 9.34 2.21
CA ARG A 8 20.03 9.09 2.84
C ARG A 8 19.03 8.29 1.99
N VAL A 9 19.31 8.12 0.70
CA VAL A 9 18.38 7.41 -0.20
C VAL A 9 18.26 5.92 0.13
N GLU A 10 19.36 5.28 0.54
CA GLU A 10 19.30 3.91 1.06
C GLU A 10 18.55 3.83 2.39
N ALA A 11 18.78 4.82 3.26
CA ALA A 11 18.17 4.86 4.60
C ALA A 11 16.67 5.16 4.60
N ALA A 12 16.22 6.04 3.70
CA ALA A 12 14.81 6.39 3.56
C ALA A 12 13.99 5.24 2.96
N ARG A 13 14.52 4.63 1.90
CA ARG A 13 13.90 3.46 1.27
C ARG A 13 13.95 2.23 2.17
N ASN A 14 15.07 2.05 2.88
CA ASN A 14 15.22 0.98 3.87
C ASN A 14 15.05 -0.40 3.23
N VAL A 15 15.75 -0.62 2.12
CA VAL A 15 15.55 -1.81 1.31
C VAL A 15 16.13 -3.05 2.00
N HIS A 16 15.31 -4.09 2.10
CA HIS A 16 15.72 -5.37 2.69
C HIS A 16 15.39 -6.51 1.74
N ILE A 17 16.35 -7.41 1.55
CA ILE A 17 16.18 -8.60 0.71
C ILE A 17 16.40 -9.86 1.56
N VAL A 18 15.57 -10.86 1.30
CA VAL A 18 15.60 -12.13 2.03
C VAL A 18 15.05 -13.25 1.13
N GLY A 19 15.51 -14.49 1.32
CA GLY A 19 15.06 -15.65 0.53
C GLY A 19 15.79 -15.80 -0.80
N SER A 20 15.31 -16.72 -1.64
CA SER A 20 15.94 -16.96 -2.95
C SER A 20 15.03 -17.69 -3.95
N GLY A 21 15.33 -17.51 -5.25
CA GLY A 21 14.57 -18.15 -6.34
C GLY A 21 14.69 -17.42 -7.67
N ASP A 22 14.14 -18.02 -8.72
CA ASP A 22 14.15 -17.41 -10.07
C ASP A 22 13.29 -16.15 -10.17
N THR A 23 12.18 -16.13 -9.43
CA THR A 23 11.27 -14.99 -9.42
C THR A 23 11.45 -14.17 -8.15
N THR A 24 11.40 -12.84 -8.30
CA THR A 24 11.42 -11.93 -7.17
C THR A 24 10.00 -11.43 -6.90
N VAL A 25 9.66 -11.36 -5.61
CA VAL A 25 8.41 -10.75 -5.16
C VAL A 25 8.75 -9.43 -4.46
N VAL A 26 8.15 -8.33 -4.92
CA VAL A 26 8.35 -7.01 -4.32
C VAL A 26 7.12 -6.62 -3.50
N LEU A 27 7.35 -6.20 -2.25
CA LEU A 27 6.29 -5.84 -1.29
C LEU A 27 6.30 -4.34 -0.96
N GLY A 28 5.20 -3.65 -1.25
CA GLY A 28 5.02 -2.23 -0.91
C GLY A 28 3.85 -2.06 0.03
N HIS A 29 3.82 -0.94 0.77
CA HIS A 29 2.82 -0.73 1.84
C HIS A 29 2.11 0.62 1.78
N GLY A 30 1.11 0.79 2.66
CA GLY A 30 0.18 1.92 2.62
C GLY A 30 0.53 2.97 3.65
N PHE A 31 -0.37 3.94 3.79
CA PHE A 31 -0.14 5.12 4.66
C PHE A 31 -0.12 4.74 6.14
N GLY A 32 0.81 5.34 6.88
CA GLY A 32 0.86 5.23 8.33
C GLY A 32 1.47 3.96 8.89
N THR A 33 2.05 3.13 8.01
CA THR A 33 2.64 1.85 8.40
C THR A 33 4.04 1.74 7.77
N ASP A 34 4.65 0.56 7.89
CA ASP A 34 5.94 0.29 7.24
C ASP A 34 6.02 -1.17 6.76
N GLN A 35 7.20 -1.62 6.36
CA GLN A 35 7.39 -2.99 5.85
C GLN A 35 7.14 -4.12 6.86
N SER A 36 7.10 -3.78 8.16
CA SER A 36 6.71 -4.75 9.21
C SER A 36 5.27 -5.25 9.07
N VAL A 37 4.40 -4.49 8.39
CA VAL A 37 3.03 -4.94 8.05
C VAL A 37 2.96 -6.30 7.36
N TRP A 38 4.03 -6.66 6.62
CA TRP A 38 4.12 -7.96 5.93
C TRP A 38 4.71 -9.12 6.77
N LYS A 39 4.78 -8.97 8.10
CA LYS A 39 5.45 -9.97 8.96
C LYS A 39 4.84 -11.38 8.93
N HIS A 40 3.53 -11.47 8.69
CA HIS A 40 2.85 -12.77 8.60
C HIS A 40 2.82 -13.33 7.17
N LEU A 41 3.38 -12.59 6.21
CA LEU A 41 3.47 -13.04 4.82
C LEU A 41 4.87 -13.56 4.47
N VAL A 42 5.90 -12.82 4.87
CA VAL A 42 7.29 -13.07 4.42
C VAL A 42 7.80 -14.50 4.69
N PRO A 43 7.61 -15.02 5.93
CA PRO A 43 8.04 -16.40 6.24
C PRO A 43 7.55 -17.49 5.29
N TYR A 44 6.41 -17.28 4.63
CA TYR A 44 5.84 -18.26 3.71
C TYR A 44 6.28 -18.10 2.24
N LEU A 45 6.98 -17.02 1.92
CA LEU A 45 7.50 -16.78 0.55
C LEU A 45 8.96 -17.21 0.34
N VAL A 46 9.77 -17.18 1.40
CA VAL A 46 11.24 -17.29 1.29
C VAL A 46 11.81 -18.60 0.72
N ASP A 47 11.12 -19.72 0.90
CA ASP A 47 11.60 -21.00 0.35
C ASP A 47 11.61 -21.02 -1.18
N SER A 48 10.61 -20.36 -1.80
CA SER A 48 10.44 -20.38 -3.26
C SER A 48 10.79 -19.08 -3.96
N TYR A 49 10.87 -17.97 -3.22
CA TYR A 49 11.04 -16.62 -3.81
C TYR A 49 12.12 -15.81 -3.11
N ARG A 50 12.76 -14.94 -3.89
CA ARG A 50 13.53 -13.82 -3.35
C ARG A 50 12.53 -12.70 -3.09
N VAL A 51 12.60 -12.10 -1.89
CA VAL A 51 11.62 -11.10 -1.46
C VAL A 51 12.33 -9.77 -1.23
N LEU A 52 11.84 -8.72 -1.87
CA LEU A 52 12.35 -7.36 -1.69
C LEU A 52 11.31 -6.52 -0.96
N LEU A 53 11.69 -5.96 0.18
CA LEU A 53 10.82 -5.02 0.92
C LEU A 53 11.40 -3.61 0.85
N TYR A 54 10.53 -2.60 0.94
CA TYR A 54 10.94 -1.19 0.95
C TYR A 54 9.94 -0.31 1.69
N ASP A 55 10.36 0.92 2.00
CA ASP A 55 9.55 1.89 2.74
C ASP A 55 9.13 3.09 1.90
N ASN A 56 8.02 3.71 2.30
CA ASN A 56 7.37 4.79 1.54
C ASN A 56 6.30 5.53 2.37
N MET A 57 5.78 6.62 1.80
CA MET A 57 4.74 7.47 2.42
C MET A 57 5.13 8.01 3.80
N GLY A 58 6.34 8.57 3.87
CA GLY A 58 6.84 9.22 5.09
C GLY A 58 7.08 8.32 6.29
N ALA A 59 7.35 7.04 6.06
CA ALA A 59 7.53 6.06 7.14
C ALA A 59 8.92 6.22 7.78
N GLY A 60 8.97 6.22 9.11
CA GLY A 60 10.23 6.39 9.84
C GLY A 60 10.78 7.79 9.68
N SER A 61 9.98 8.77 10.07
CA SER A 61 10.35 10.20 9.94
C SER A 61 11.30 10.65 11.03
N THR A 62 10.98 10.31 12.28
CA THR A 62 11.81 10.64 13.44
C THR A 62 13.05 9.73 13.51
N ASN A 63 14.11 10.15 12.84
CA ASN A 63 15.39 9.40 12.79
C ASN A 63 16.59 10.37 12.74
N PRO A 64 17.83 9.85 12.91
CA PRO A 64 19.02 10.70 12.77
C PRO A 64 19.23 11.32 11.38
N GLU A 65 18.80 10.65 10.32
CA GLU A 65 18.92 11.15 8.94
C GLU A 65 17.70 10.80 8.05
N TYR A 66 16.67 11.63 8.13
CA TYR A 66 15.49 11.50 7.25
C TYR A 66 14.97 12.88 6.83
N PHE A 67 15.44 13.34 5.67
CA PHE A 67 14.93 14.56 5.02
C PHE A 67 13.84 14.15 4.03
N HIS A 68 12.70 14.84 4.09
CA HIS A 68 11.56 14.55 3.22
C HIS A 68 11.74 15.24 1.86
N PHE A 69 12.01 14.45 0.83
CA PHE A 69 12.33 14.99 -0.50
C PHE A 69 11.08 15.44 -1.25
N GLU A 70 11.29 16.19 -2.32
CA GLU A 70 10.20 16.83 -3.09
C GLU A 70 9.54 15.90 -4.11
N ARG A 71 10.14 14.73 -4.38
CA ARG A 71 9.49 13.68 -5.20
C ARG A 71 8.37 12.95 -4.45
N TYR A 72 8.34 13.11 -3.13
CA TYR A 72 7.29 12.53 -2.29
C TYR A 72 6.02 13.38 -2.17
N SER A 73 5.94 14.51 -2.89
CA SER A 73 4.73 15.34 -2.93
C SER A 73 3.56 14.69 -3.69
N THR A 74 3.88 13.82 -4.65
CA THR A 74 2.86 13.12 -5.45
C THR A 74 3.12 11.62 -5.53
N LEU A 75 2.08 10.87 -5.92
CA LEU A 75 2.20 9.43 -6.12
C LEU A 75 2.98 9.04 -7.37
N GLN A 76 3.04 9.94 -8.35
CA GLN A 76 3.84 9.75 -9.56
C GLN A 76 5.34 9.63 -9.23
N GLY A 77 5.80 10.40 -8.25
CA GLY A 77 7.20 10.37 -7.82
C GLY A 77 7.60 9.08 -7.11
N TYR A 78 6.71 8.60 -6.22
CA TYR A 78 6.85 7.27 -5.62
C TYR A 78 6.93 6.15 -6.65
N ALA A 79 6.09 6.23 -7.68
CA ALA A 79 6.11 5.27 -8.81
C ALA A 79 7.45 5.30 -9.55
N HIS A 80 7.95 6.50 -9.81
CA HIS A 80 9.27 6.70 -10.41
C HIS A 80 10.37 6.09 -9.55
N ASP A 81 10.33 6.40 -8.26
CA ASP A 81 11.30 5.86 -7.29
C ASP A 81 11.27 4.33 -7.21
N LEU A 82 10.09 3.72 -7.37
CA LEU A 82 9.96 2.27 -7.47
C LEU A 82 10.69 1.70 -8.69
N LEU A 83 10.57 2.36 -9.84
CA LEU A 83 11.27 1.94 -11.07
C LEU A 83 12.80 2.03 -10.93
N VAL A 84 13.29 2.98 -10.13
CA VAL A 84 14.72 3.12 -9.85
C VAL A 84 15.21 1.93 -9.00
N ILE A 85 14.46 1.63 -7.94
CA ILE A 85 14.72 0.45 -7.09
C ILE A 85 14.80 -0.82 -7.94
N LEU A 86 13.85 -1.04 -8.84
CA LEU A 86 13.87 -2.24 -9.67
C LEU A 86 15.11 -2.31 -10.58
N HIS A 87 15.53 -1.15 -11.11
CA HIS A 87 16.73 -1.08 -11.94
C HIS A 87 18.00 -1.32 -11.13
N GLU A 88 18.13 -0.66 -9.98
CA GLU A 88 19.35 -0.75 -9.16
C GLU A 88 19.60 -2.13 -8.53
N PHE A 89 18.55 -2.96 -8.43
CA PHE A 89 18.68 -4.35 -7.98
C PHE A 89 18.47 -5.35 -9.13
N ASN A 90 18.57 -4.87 -10.37
CA ASN A 90 18.49 -5.68 -11.60
C ASN A 90 17.38 -6.73 -11.63
N ILE A 91 16.15 -6.27 -11.41
CA ILE A 91 14.96 -7.14 -11.46
C ILE A 91 14.53 -7.24 -12.94
N ARG A 92 14.21 -8.45 -13.39
CA ARG A 92 13.94 -8.71 -14.82
C ARG A 92 12.44 -8.91 -15.06
N SER A 93 11.84 -9.74 -14.22
CA SER A 93 10.39 -9.86 -14.11
C SER A 93 10.09 -9.97 -12.62
N CYS A 94 8.96 -9.42 -12.17
CA CYS A 94 8.61 -9.47 -10.74
C CYS A 94 7.11 -9.60 -10.48
N ILE A 95 6.80 -10.16 -9.31
CA ILE A 95 5.44 -10.23 -8.80
C ILE A 95 5.31 -9.12 -7.75
N PHE A 96 4.64 -8.04 -8.11
CA PHE A 96 4.49 -6.90 -7.21
C PHE A 96 3.23 -7.05 -6.37
N VAL A 97 3.37 -6.92 -5.05
CA VAL A 97 2.25 -6.93 -4.12
C VAL A 97 2.16 -5.57 -3.44
N GLY A 98 1.07 -4.85 -3.68
CA GLY A 98 0.90 -3.48 -3.16
C GLY A 98 -0.32 -3.35 -2.25
N HIS A 99 -0.10 -2.79 -1.06
CA HIS A 99 -1.16 -2.55 -0.09
C HIS A 99 -1.60 -1.09 -0.14
N SER A 100 -2.91 -0.88 -0.20
CA SER A 100 -3.52 0.45 -0.30
C SER A 100 -3.02 1.24 -1.54
N LEU A 101 -2.53 2.46 -1.36
CA LEU A 101 -2.12 3.28 -2.53
C LEU A 101 -0.80 2.83 -3.19
N SER A 102 0.02 2.01 -2.52
CA SER A 102 1.20 1.44 -3.17
C SER A 102 0.82 0.44 -4.28
N ALA A 103 -0.41 -0.07 -4.23
CA ALA A 103 -1.00 -0.82 -5.34
C ALA A 103 -1.12 0.03 -6.61
N MET A 104 -1.54 1.29 -6.43
CA MET A 104 -1.65 2.23 -7.54
C MET A 104 -0.32 2.72 -8.06
N THR A 105 0.66 2.94 -7.18
CA THR A 105 2.02 3.30 -7.60
C THR A 105 2.64 2.20 -8.47
N GLY A 106 2.40 0.94 -8.08
CA GLY A 106 2.83 -0.21 -8.85
C GLY A 106 2.14 -0.28 -10.20
N ALA A 107 0.83 0.01 -10.22
CA ALA A 107 0.06 0.07 -11.46
C ALA A 107 0.62 1.12 -12.43
N ILE A 108 0.91 2.32 -11.91
CA ILE A 108 1.49 3.41 -12.70
C ILE A 108 2.86 3.02 -13.30
N ALA A 109 3.71 2.41 -12.49
CA ALA A 109 5.03 1.94 -12.95
C ALA A 109 4.95 0.85 -14.03
N SER A 110 3.96 -0.05 -13.92
CA SER A 110 3.78 -1.12 -14.92
C SER A 110 3.33 -0.62 -16.30
N ILE A 111 2.69 0.55 -16.35
CA ILE A 111 2.38 1.19 -17.63
C ILE A 111 3.68 1.61 -18.34
N ILE A 112 4.65 2.09 -17.56
CA ILE A 112 5.92 2.56 -18.09
C ILE A 112 6.82 1.37 -18.46
N ARG A 113 6.94 0.38 -17.59
CA ARG A 113 7.79 -0.79 -17.83
C ARG A 113 7.03 -2.08 -17.56
N PRO A 114 6.08 -2.45 -18.46
CA PRO A 114 5.32 -3.70 -18.28
C PRO A 114 6.16 -4.98 -18.37
N ASP A 115 7.34 -4.90 -19.02
CA ASP A 115 8.27 -6.04 -19.08
C ASP A 115 8.86 -6.43 -17.71
N LEU A 116 8.99 -5.47 -16.80
CA LEU A 116 9.48 -5.75 -15.44
C LEU A 116 8.46 -6.39 -14.50
N PHE A 117 7.18 -6.41 -14.90
CA PHE A 117 6.11 -6.98 -14.07
C PHE A 117 5.48 -8.20 -14.70
N GLN A 118 5.59 -9.33 -14.01
CA GLN A 118 4.87 -10.54 -14.38
C GLN A 118 3.38 -10.39 -14.03
N LYS A 119 3.09 -9.83 -12.85
CA LYS A 119 1.73 -9.55 -12.41
C LYS A 119 1.70 -8.50 -11.31
N ILE A 120 0.50 -8.05 -10.95
CA ILE A 120 0.28 -7.16 -9.81
C ILE A 120 -0.78 -7.77 -8.88
N VAL A 121 -0.51 -7.77 -7.58
CA VAL A 121 -1.49 -8.19 -6.58
C VAL A 121 -1.86 -6.97 -5.73
N MET A 122 -3.11 -6.52 -5.85
CA MET A 122 -3.61 -5.37 -5.11
C MET A 122 -4.32 -5.83 -3.84
N LEU A 123 -4.10 -5.10 -2.74
CA LEU A 123 -4.73 -5.39 -1.45
C LEU A 123 -5.24 -4.12 -0.80
N SER A 124 -6.56 -4.05 -0.56
CA SER A 124 -7.22 -2.90 0.06
C SER A 124 -6.99 -1.61 -0.75
N ALA A 125 -6.98 -1.75 -2.08
CA ALA A 125 -6.59 -0.68 -2.99
C ALA A 125 -7.78 0.18 -3.45
N SER A 126 -7.50 1.44 -3.77
CA SER A 126 -8.50 2.36 -4.29
C SER A 126 -7.85 3.39 -5.20
N PRO A 127 -8.49 3.69 -6.35
CA PRO A 127 -7.99 4.77 -7.23
C PRO A 127 -8.38 6.18 -6.76
N ARG A 128 -9.37 6.30 -5.87
CA ARG A 128 -9.85 7.60 -5.37
C ARG A 128 -10.79 7.41 -4.15
N PHE A 129 -10.50 8.14 -3.07
CA PHE A 129 -11.28 8.04 -1.83
C PHE A 129 -12.53 8.95 -1.79
N LEU A 130 -12.45 10.11 -2.43
CA LEU A 130 -13.52 11.12 -2.40
C LEU A 130 -14.62 10.84 -3.44
N ASN A 131 -15.87 11.15 -3.08
CA ASN A 131 -17.02 10.87 -3.96
C ASN A 131 -17.22 11.88 -5.09
N THR A 132 -17.93 11.44 -6.12
CA THR A 132 -18.56 12.31 -7.12
C THR A 132 -20.06 11.97 -7.16
N ALA A 133 -20.79 12.60 -8.07
CA ALA A 133 -22.20 12.27 -8.29
C ALA A 133 -22.36 10.84 -8.82
N ASP A 134 -21.43 10.44 -9.70
CA ASP A 134 -21.47 9.14 -10.37
C ASP A 134 -20.59 8.06 -9.70
N TYR A 135 -19.47 8.47 -9.11
CA TYR A 135 -18.47 7.55 -8.52
C TYR A 135 -18.60 7.52 -6.99
N LEU A 136 -18.59 6.31 -6.41
CA LEU A 136 -18.61 6.11 -4.95
C LEU A 136 -17.20 5.75 -4.44
N GLY A 137 -16.47 6.78 -4.02
CA GLY A 137 -15.17 6.59 -3.38
C GLY A 137 -15.27 6.13 -1.95
N GLY A 138 -16.32 6.59 -1.25
CA GLY A 138 -16.57 6.25 0.16
C GLY A 138 -16.56 7.42 1.13
N PHE A 139 -16.06 8.58 0.69
CA PHE A 139 -15.91 9.76 1.54
C PHE A 139 -16.58 10.97 0.90
N GLU A 140 -17.38 11.69 1.68
CA GLU A 140 -17.87 13.04 1.33
C GLU A 140 -16.90 14.04 1.97
N PRO A 141 -16.87 15.30 1.47
CA PRO A 141 -15.91 16.31 1.97
C PRO A 141 -15.88 16.52 3.48
N ALA A 142 -17.03 16.43 4.13
CA ALA A 142 -17.16 16.54 5.60
C ALA A 142 -16.32 15.50 6.34
N ASP A 143 -16.40 14.25 5.88
CA ASP A 143 -15.63 13.14 6.46
C ASP A 143 -14.14 13.40 6.37
N VAL A 144 -13.69 13.87 5.20
CA VAL A 144 -12.26 14.08 4.96
C VAL A 144 -11.70 15.15 5.89
N GLU A 145 -12.40 16.29 5.97
CA GLU A 145 -11.95 17.41 6.81
C GLU A 145 -12.07 17.14 8.31
N GLN A 146 -13.05 16.33 8.70
CA GLN A 146 -13.20 15.89 10.10
C GLN A 146 -11.95 15.15 10.58
N LEU A 147 -11.50 14.18 9.79
CA LEU A 147 -10.28 13.41 10.08
C LEU A 147 -9.03 14.29 10.04
N ALA A 148 -8.98 15.21 9.07
CA ALA A 148 -7.86 16.13 8.91
C ALA A 148 -7.67 17.05 10.11
N GLY A 149 -8.78 17.63 10.59
CA GLY A 149 -8.77 18.65 11.65
C GLY A 149 -7.99 18.31 12.92
N ALA A 150 -8.05 17.06 13.33
CA ALA A 150 -7.45 16.62 14.61
C ALA A 150 -5.97 16.19 14.53
N ILE A 151 -5.36 16.22 13.33
CA ILE A 151 -4.04 15.62 13.12
C ILE A 151 -2.87 16.39 13.75
N GLU A 152 -2.91 17.73 13.68
CA GLU A 152 -1.84 18.59 14.24
C GLU A 152 -2.22 19.28 15.56
N ALA A 153 -3.51 19.29 15.91
CA ALA A 153 -3.96 19.77 17.23
C ALA A 153 -3.36 18.90 18.34
N ASN A 154 -3.44 17.59 18.14
CA ASN A 154 -2.65 16.63 18.91
C ASN A 154 -2.48 15.32 18.13
N TYR A 155 -1.25 15.03 17.73
CA TYR A 155 -0.89 13.77 17.07
C TYR A 155 -0.96 12.59 18.05
N LYS A 156 -0.75 12.87 19.33
CA LYS A 156 -0.83 11.85 20.40
C LYS A 156 -2.23 11.23 20.51
N SER A 157 -3.26 12.08 20.47
CA SER A 157 -4.66 11.64 20.60
C SER A 157 -5.29 11.23 19.26
N TRP A 158 -4.81 11.81 18.16
CA TRP A 158 -5.32 11.47 16.83
C TRP A 158 -5.03 10.00 16.49
N VAL A 159 -3.78 9.58 16.71
CA VAL A 159 -3.33 8.21 16.40
C VAL A 159 -4.16 7.18 17.15
N SER A 160 -4.38 7.39 18.46
CA SER A 160 -5.17 6.47 19.29
C SER A 160 -6.66 6.42 18.92
N GLY A 161 -7.17 7.46 18.27
CA GLY A 161 -8.53 7.47 17.70
C GLY A 161 -8.62 6.97 16.26
N PHE A 162 -7.62 7.33 15.46
CA PHE A 162 -7.55 6.96 14.04
C PHE A 162 -7.21 5.49 13.83
N ALA A 163 -6.21 5.00 14.58
CA ALA A 163 -5.71 3.63 14.44
C ALA A 163 -6.74 2.51 14.59
N PRO A 164 -7.60 2.57 15.64
CA PRO A 164 -8.70 1.57 15.73
C PRO A 164 -9.76 1.72 14.65
N MET A 165 -10.00 2.95 14.19
CA MET A 165 -11.00 3.23 13.15
C MET A 165 -10.64 2.58 11.80
N VAL A 166 -9.37 2.66 11.41
CA VAL A 166 -8.89 2.11 10.12
C VAL A 166 -8.79 0.59 10.15
N VAL A 167 -8.19 0.05 11.22
CA VAL A 167 -7.92 -1.39 11.34
C VAL A 167 -9.21 -2.18 11.64
N GLY A 168 -10.12 -1.61 12.42
CA GLY A 168 -11.38 -2.27 12.78
C GLY A 168 -11.25 -3.20 13.98
N GLY A 169 -12.39 -3.73 14.44
CA GLY A 169 -12.43 -4.60 15.62
C GLY A 169 -12.14 -3.87 16.93
N ASP A 170 -11.78 -4.64 17.95
CA ASP A 170 -11.43 -4.07 19.27
C ASP A 170 -10.07 -3.37 19.23
N MET A 171 -9.86 -2.49 20.20
CA MET A 171 -8.60 -1.73 20.32
C MET A 171 -7.49 -2.56 20.99
N ASP A 172 -7.87 -3.55 21.80
CA ASP A 172 -6.88 -4.35 22.57
C ASP A 172 -5.91 -5.19 21.72
N SER A 173 -6.28 -5.48 20.46
CA SER A 173 -5.49 -6.37 19.60
C SER A 173 -4.11 -5.78 19.29
N VAL A 174 -3.16 -6.67 19.01
CA VAL A 174 -1.79 -6.29 18.63
C VAL A 174 -1.75 -5.54 17.29
N ALA A 175 -2.67 -5.87 16.39
CA ALA A 175 -2.78 -5.21 15.08
C ALA A 175 -3.01 -3.70 15.20
N VAL A 176 -3.96 -3.31 16.06
CA VAL A 176 -4.27 -1.90 16.32
C VAL A 176 -3.10 -1.18 17.00
N GLN A 177 -2.44 -1.87 17.92
CA GLN A 177 -1.27 -1.32 18.64
C GLN A 177 -0.05 -1.17 17.72
N GLU A 178 0.20 -2.19 16.90
CA GLU A 178 1.28 -2.16 15.90
C GLU A 178 1.15 -1.00 14.91
N PHE A 179 -0.08 -0.71 14.48
CA PHE A 179 -0.37 0.41 13.57
C PHE A 179 -0.17 1.78 14.25
N SER A 180 -0.51 1.86 15.54
CA SER A 180 -0.23 3.06 16.34
C SER A 180 1.29 3.27 16.52
N ARG A 181 2.01 2.17 16.76
CA ARG A 181 3.49 2.20 16.89
C ARG A 181 4.16 2.76 15.64
N THR A 182 3.74 2.28 14.47
CA THR A 182 4.26 2.76 13.17
C THR A 182 3.80 4.19 12.86
N LEU A 183 2.57 4.54 13.26
CA LEU A 183 2.09 5.92 13.18
C LEU A 183 2.92 6.88 14.04
N PHE A 184 3.30 6.43 15.24
CA PHE A 184 4.13 7.27 16.15
C PHE A 184 5.58 7.47 15.71
N ASN A 185 6.08 6.64 14.80
CA ASN A 185 7.38 6.87 14.16
C ASN A 185 7.37 8.09 13.22
N MET A 186 6.21 8.41 12.65
CA MET A 186 6.04 9.59 11.80
C MET A 186 6.02 10.88 12.63
N ARG A 187 6.30 12.00 11.96
CA ARG A 187 6.18 13.33 12.55
C ARG A 187 4.77 13.86 12.29
N PRO A 188 4.34 14.91 13.02
CA PRO A 188 3.02 15.50 12.77
C PRO A 188 2.91 16.20 11.41
N ASP A 189 3.92 17.00 11.07
CA ASP A 189 3.91 17.78 9.82
C ASP A 189 4.04 16.93 8.54
N ILE A 190 4.86 15.88 8.58
CA ILE A 190 5.03 14.98 7.44
C ILE A 190 3.76 14.15 7.17
N ALA A 191 3.16 13.63 8.24
CA ALA A 191 1.90 12.89 8.14
C ALA A 191 0.77 13.73 7.54
N ARG A 192 0.75 15.02 7.84
CA ARG A 192 -0.28 15.94 7.32
C ARG A 192 -0.18 16.16 5.80
N SER A 193 1.02 16.48 5.32
CA SER A 193 1.24 16.66 3.88
C SER A 193 1.00 15.35 3.09
N VAL A 194 1.37 14.22 3.69
CA VAL A 194 1.09 12.90 3.11
C VAL A 194 -0.42 12.62 3.11
N PHE A 195 -1.09 12.92 4.22
CA PHE A 195 -2.55 12.76 4.33
C PHE A 195 -3.29 13.53 3.23
N ARG A 196 -2.87 14.77 2.98
CA ARG A 196 -3.47 15.61 1.94
C ARG A 196 -3.31 14.96 0.56
N THR A 197 -2.13 14.42 0.29
CA THR A 197 -1.85 13.73 -0.98
C THR A 197 -2.74 12.50 -1.17
N ILE A 198 -2.94 11.71 -0.10
CA ILE A 198 -3.79 10.53 -0.14
C ILE A 198 -5.21 10.88 -0.60
N PHE A 199 -5.84 11.81 0.11
CA PHE A 199 -7.25 12.13 -0.13
C PHE A 199 -7.52 13.06 -1.30
N THR A 200 -6.50 13.76 -1.81
CA THR A 200 -6.64 14.53 -3.06
C THR A 200 -6.37 13.70 -4.31
N SER A 201 -5.81 12.49 -4.16
CA SER A 201 -5.36 11.68 -5.30
C SER A 201 -6.51 11.11 -6.14
N ASP A 202 -6.31 11.10 -7.45
CA ASP A 202 -7.28 10.55 -8.40
C ASP A 202 -6.50 9.88 -9.54
N LEU A 203 -6.59 8.55 -9.61
CA LEU A 203 -5.77 7.75 -10.52
C LEU A 203 -6.63 6.94 -11.50
N ARG A 204 -7.91 7.27 -11.58
CA ARG A 204 -8.89 6.46 -12.32
C ARG A 204 -8.60 6.40 -13.83
N ASP A 205 -8.10 7.49 -14.41
CA ASP A 205 -7.74 7.55 -15.84
C ASP A 205 -6.60 6.62 -16.26
N TYR A 206 -5.68 6.32 -15.36
CA TYR A 206 -4.56 5.40 -15.62
C TYR A 206 -4.99 3.95 -15.87
N LEU A 207 -6.09 3.53 -15.25
CA LEU A 207 -6.44 2.10 -15.18
C LEU A 207 -6.54 1.42 -16.54
N GLY A 208 -7.18 2.08 -17.50
CA GLY A 208 -7.30 1.58 -18.88
C GLY A 208 -5.99 1.28 -19.58
N ARG A 209 -4.91 1.95 -19.17
CA ARG A 209 -3.57 1.72 -19.73
C ARG A 209 -2.83 0.49 -19.15
N VAL A 210 -3.32 -0.05 -18.03
CA VAL A 210 -2.65 -1.18 -17.36
C VAL A 210 -2.92 -2.46 -18.15
N THR A 211 -1.85 -3.14 -18.58
CA THR A 211 -1.96 -4.35 -19.39
C THR A 211 -1.50 -5.66 -18.73
N VAL A 212 -0.73 -5.58 -17.66
CA VAL A 212 -0.28 -6.77 -16.93
C VAL A 212 -1.44 -7.33 -16.09
N PRO A 213 -1.44 -8.65 -15.83
CA PRO A 213 -2.52 -9.25 -15.02
C PRO A 213 -2.59 -8.72 -13.58
N CYS A 214 -3.80 -8.38 -13.11
CA CYS A 214 -4.01 -7.85 -11.75
C CYS A 214 -4.94 -8.76 -10.93
N HIS A 215 -4.52 -9.09 -9.71
CA HIS A 215 -5.38 -9.79 -8.75
C HIS A 215 -5.77 -8.75 -7.72
N ILE A 216 -7.09 -8.60 -7.47
CA ILE A 216 -7.65 -7.49 -6.69
C ILE A 216 -8.36 -8.01 -5.44
N ILE A 217 -7.76 -7.76 -4.28
CA ILE A 217 -8.20 -8.35 -3.01
C ILE A 217 -8.56 -7.26 -2.02
N GLN A 218 -9.65 -7.45 -1.27
CA GLN A 218 -10.01 -6.55 -0.16
C GLN A 218 -10.93 -7.18 0.88
N SER A 219 -11.05 -6.49 2.02
CA SER A 219 -12.04 -6.82 3.04
C SER A 219 -13.44 -6.40 2.60
N SER A 220 -14.46 -7.17 3.00
CA SER A 220 -15.86 -6.85 2.70
C SER A 220 -16.40 -5.66 3.51
N ARG A 221 -15.81 -5.43 4.69
CA ARG A 221 -16.11 -4.25 5.50
C ARG A 221 -14.83 -3.45 5.73
N ASP A 222 -14.56 -2.52 4.82
CA ASP A 222 -13.43 -1.61 4.91
C ASP A 222 -13.98 -0.19 4.94
N MET A 223 -13.70 0.56 6.01
CA MET A 223 -14.18 1.93 6.15
C MET A 223 -13.58 2.88 5.10
N ALA A 224 -12.37 2.56 4.64
CA ALA A 224 -11.69 3.34 3.59
C ALA A 224 -12.02 2.90 2.16
N VAL A 225 -12.57 1.71 1.97
CA VAL A 225 -12.82 1.15 0.63
C VAL A 225 -14.17 0.41 0.54
N PRO A 226 -15.21 1.05 -0.03
CA PRO A 226 -16.44 0.33 -0.35
C PRO A 226 -16.23 -0.88 -1.28
N VAL A 227 -17.00 -1.94 -1.07
CA VAL A 227 -16.81 -3.22 -1.79
C VAL A 227 -16.95 -3.05 -3.32
N SER A 228 -17.73 -2.08 -3.77
CA SER A 228 -17.89 -1.79 -5.20
C SER A 228 -16.61 -1.30 -5.90
N VAL A 229 -15.62 -0.83 -5.14
CA VAL A 229 -14.34 -0.34 -5.70
C VAL A 229 -13.48 -1.45 -6.35
N ALA A 230 -13.50 -2.65 -5.77
CA ALA A 230 -12.81 -3.81 -6.38
C ALA A 230 -13.37 -4.10 -7.78
N GLY A 231 -14.69 -4.13 -7.90
CA GLY A 231 -15.37 -4.30 -9.20
C GLY A 231 -15.07 -3.19 -10.20
N TYR A 232 -15.00 -1.94 -9.71
CA TYR A 232 -14.63 -0.77 -10.52
C TYR A 232 -13.27 -0.95 -11.21
N ILE A 233 -12.26 -1.31 -10.41
CA ILE A 233 -10.89 -1.54 -10.90
C ILE A 233 -10.89 -2.69 -11.91
N HIS A 234 -11.57 -3.77 -11.55
CA HIS A 234 -11.70 -4.96 -12.40
C HIS A 234 -12.23 -4.65 -13.80
N ASN A 235 -13.27 -3.82 -13.86
CA ASN A 235 -13.90 -3.45 -15.15
C ASN A 235 -13.08 -2.46 -15.97
N ARG A 236 -12.20 -1.70 -15.31
CA ARG A 236 -11.46 -0.61 -15.98
C ARG A 236 -10.01 -0.90 -16.36
N VAL A 237 -9.37 -1.91 -15.75
CA VAL A 237 -8.01 -2.32 -16.16
C VAL A 237 -7.99 -2.86 -17.59
N GLY A 238 -6.90 -2.61 -18.30
CA GLY A 238 -6.78 -2.94 -19.73
C GLY A 238 -6.40 -4.38 -20.06
N GLY A 239 -5.77 -5.09 -19.12
CA GLY A 239 -5.39 -6.49 -19.30
C GLY A 239 -6.35 -7.43 -18.61
N ARG A 240 -5.89 -8.65 -18.37
CA ARG A 240 -6.68 -9.66 -17.63
C ARG A 240 -6.70 -9.33 -16.14
N SER A 241 -7.75 -9.74 -15.45
CA SER A 241 -7.90 -9.47 -14.02
C SER A 241 -8.90 -10.39 -13.33
N VAL A 242 -8.82 -10.43 -12.00
CA VAL A 242 -9.70 -11.25 -11.16
C VAL A 242 -9.95 -10.54 -9.83
N VAL A 243 -11.09 -10.82 -9.20
CA VAL A 243 -11.51 -10.17 -7.96
C VAL A 243 -11.78 -11.20 -6.87
N GLU A 244 -11.34 -10.91 -5.65
CA GLU A 244 -11.70 -11.71 -4.48
C GLU A 244 -11.98 -10.80 -3.31
N VAL A 245 -13.25 -10.71 -2.91
CA VAL A 245 -13.64 -10.03 -1.69
C VAL A 245 -13.57 -11.06 -0.56
N MET A 246 -12.69 -10.81 0.39
CA MET A 246 -12.55 -11.67 1.56
C MET A 246 -13.68 -11.31 2.51
N ASN A 247 -14.12 -12.27 3.32
CA ASN A 247 -15.13 -12.00 4.35
C ASN A 247 -14.40 -11.65 5.65
N THR A 248 -13.80 -10.45 5.65
CA THR A 248 -13.06 -9.90 6.78
C THR A 248 -13.40 -8.43 6.99
N GLU A 249 -12.90 -7.87 8.08
CA GLU A 249 -13.04 -6.46 8.42
C GLU A 249 -11.65 -5.83 8.46
N GLY A 250 -11.57 -4.54 8.12
CA GLY A 250 -10.35 -3.76 8.28
C GLY A 250 -9.64 -3.39 6.99
N HIS A 251 -8.85 -2.31 7.06
CA HIS A 251 -8.03 -1.85 5.95
C HIS A 251 -6.69 -2.58 5.87
N LEU A 252 -6.19 -3.08 7.01
CA LEU A 252 -4.94 -3.86 7.08
C LEU A 252 -5.18 -5.32 7.51
N PRO A 253 -5.87 -6.12 6.66
CA PRO A 253 -6.18 -7.51 7.05
C PRO A 253 -4.96 -8.46 7.15
N GLN A 254 -3.87 -8.16 6.45
CA GLN A 254 -2.61 -8.92 6.58
C GLN A 254 -2.01 -8.87 8.00
N LEU A 255 -2.33 -7.81 8.75
CA LEU A 255 -1.89 -7.65 10.14
C LEU A 255 -2.98 -8.04 11.16
N SER A 256 -4.26 -7.80 10.82
CA SER A 256 -5.38 -8.00 11.74
C SER A 256 -6.10 -9.35 11.58
N ALA A 257 -6.14 -9.90 10.37
CA ALA A 257 -6.81 -11.19 10.11
C ALA A 257 -5.97 -12.13 9.22
N PRO A 258 -4.70 -12.41 9.64
CA PRO A 258 -3.76 -13.21 8.83
C PRO A 258 -4.27 -14.62 8.49
N GLU A 259 -4.91 -15.26 9.45
CA GLU A 259 -5.57 -16.57 9.25
C GLU A 259 -6.49 -16.65 8.03
N VAL A 260 -7.09 -15.52 7.64
CA VAL A 260 -7.89 -15.43 6.40
C VAL A 260 -7.11 -14.79 5.25
N ALA A 261 -6.38 -13.72 5.54
CA ALA A 261 -5.73 -12.90 4.49
C ALA A 261 -4.54 -13.58 3.81
N ILE A 262 -3.65 -14.17 4.60
CA ILE A 262 -2.38 -14.73 4.10
C ILE A 262 -2.60 -15.88 3.07
N PRO A 263 -3.48 -16.85 3.37
CA PRO A 263 -3.75 -17.89 2.37
C PRO A 263 -4.33 -17.38 1.04
N VAL A 264 -5.12 -16.32 1.08
CA VAL A 264 -5.66 -15.69 -0.14
C VAL A 264 -4.52 -15.06 -0.95
N LEU A 265 -3.65 -14.32 -0.27
CA LEU A 265 -2.48 -13.71 -0.90
C LEU A 265 -1.55 -14.74 -1.55
N LEU A 266 -1.31 -15.86 -0.86
CA LEU A 266 -0.43 -16.91 -1.38
C LEU A 266 -0.99 -17.58 -2.63
N ARG A 267 -2.31 -17.80 -2.68
CA ARG A 267 -2.96 -18.35 -3.87
C ARG A 267 -2.74 -17.48 -5.09
N HIS A 268 -3.00 -16.19 -4.95
CA HIS A 268 -2.91 -15.26 -6.07
C HIS A 268 -1.47 -15.00 -6.51
N ILE A 269 -0.52 -15.00 -5.56
CA ILE A 269 0.91 -14.90 -5.88
C ILE A 269 1.42 -16.11 -6.67
N LYS A 270 1.02 -17.31 -6.24
CA LYS A 270 1.58 -18.55 -6.79
C LYS A 270 0.93 -19.05 -8.09
N ASN A 271 -0.35 -18.73 -8.32
CA ASN A 271 -1.09 -19.21 -9.48
C ASN A 271 -1.47 -18.11 -10.47
N ASP A 272 -1.41 -18.42 -11.76
CA ASP A 272 -1.88 -17.50 -12.80
C ASP A 272 -3.41 -17.55 -12.86
N ILE A 273 -4.01 -16.61 -13.60
CA ILE A 273 -5.48 -16.47 -13.60
C ILE A 273 -6.17 -17.68 -14.26
N ASP A 274 -6.71 -18.56 -13.40
CA ASP A 274 -7.42 -19.77 -13.82
C ASP A 274 -8.94 -19.57 -13.67
#